data_3PH0
#
_entry.id   3PH0
#
_cell.length_a   43.159
_cell.length_b   71.937
_cell.length_c   86.735
_cell.angle_alpha   90.000
_cell.angle_beta   90.000
_cell.angle_gamma   90.000
#
_symmetry.space_group_name_H-M   'P 21 21 2'
#
loop_
_entity.id
_entity.type
_entity.pdbx_description
1 polymer AscE
2 polymer AscG
3 water water
#
loop_
_entity_poly.entity_id
_entity_poly.type
_entity_poly.pdbx_seq_one_letter_code
_entity_poly.pdbx_strand_id
1 'polypeptide(L)' MMTNLETRLSGADPVFARELHAQLVQALGDVKRRLLRGGTQQQYQQWQQEADAIEAGLNIIEKIKGE A,B
2 'polypeptide(L)' MNVQLKKQLAELALAGTGHHCHQEAASIADWLAQEECMAECVTLIRLSSLMNQGDYQRALL C,D
#
# COMPACT_ATOMS: atom_id res chain seq x y z
N MET A 1 -6.43 0.52 4.81
CA MET A 1 -5.40 1.26 5.60
C MET A 1 -4.10 0.46 5.63
N MET A 2 -4.24 -0.81 6.02
CA MET A 2 -3.11 -1.71 6.12
C MET A 2 -2.69 -2.23 4.74
N THR A 3 -1.39 -2.42 4.58
CA THR A 3 -0.84 -2.89 3.31
C THR A 3 -0.68 -4.42 3.33
N ASN A 4 -0.35 -4.98 2.17
CA ASN A 4 -0.16 -6.41 2.03
C ASN A 4 1.16 -6.74 2.72
N LEU A 5 2.09 -5.79 2.69
CA LEU A 5 3.40 -5.95 3.29
C LEU A 5 3.30 -6.27 4.78
N GLU A 6 2.53 -5.47 5.52
CA GLU A 6 2.36 -5.67 6.94
C GLU A 6 1.90 -7.09 7.30
N THR A 7 1.05 -7.67 6.46
CA THR A 7 0.54 -9.01 6.72
C THR A 7 1.54 -10.10 6.36
N ARG A 8 2.52 -9.76 5.52
CA ARG A 8 3.54 -10.73 5.12
C ARG A 8 4.68 -10.69 6.13
N LEU A 9 4.70 -9.65 6.96
CA LEU A 9 5.74 -9.49 7.97
C LEU A 9 5.25 -9.90 9.35
N SER A 10 3.94 -10.10 9.47
CA SER A 10 3.33 -10.44 10.75
C SER A 10 3.38 -11.94 11.11
N GLY A 11 4.06 -12.73 10.29
CA GLY A 11 4.15 -14.15 10.57
C GLY A 11 3.56 -15.06 9.51
N ALA A 12 2.78 -14.49 8.60
CA ALA A 12 2.15 -15.25 7.54
C ALA A 12 3.12 -15.71 6.42
N ASP A 13 4.28 -15.06 6.33
CA ASP A 13 5.25 -15.38 5.30
C ASP A 13 6.67 -15.24 5.88
N PRO A 14 7.09 -16.19 6.73
CA PRO A 14 8.41 -16.18 7.37
C PRO A 14 9.59 -16.08 6.42
N VAL A 15 9.50 -16.79 5.29
CA VAL A 15 10.56 -16.77 4.30
C VAL A 15 10.67 -15.43 3.59
N PHE A 16 9.53 -14.87 3.16
CA PHE A 16 9.54 -13.56 2.52
C PHE A 16 10.21 -12.57 3.45
N ALA A 17 9.71 -12.53 4.69
CA ALA A 17 10.21 -11.63 5.73
C ALA A 17 11.71 -11.63 5.90
N ARG A 18 12.32 -12.80 5.99
CA ARG A 18 13.76 -12.85 6.16
C ARG A 18 14.55 -12.57 4.88
N GLU A 19 13.90 -12.67 3.73
CA GLU A 19 14.59 -12.37 2.47
C GLU A 19 14.66 -10.86 2.35
N LEU A 20 13.54 -10.20 2.68
CA LEU A 20 13.44 -8.74 2.61
C LEU A 20 14.40 -8.12 3.60
N HIS A 21 14.43 -8.66 4.81
CA HIS A 21 15.32 -8.15 5.85
C HIS A 21 16.75 -8.36 5.41
N ALA A 22 17.01 -9.53 4.86
CA ALA A 22 18.34 -9.88 4.39
C ALA A 22 18.84 -8.88 3.36
N GLN A 23 18.06 -8.59 2.32
CA GLN A 23 18.57 -7.65 1.34
C GLN A 23 18.66 -6.21 1.86
N LEU A 24 17.76 -5.81 2.75
CA LEU A 24 17.82 -4.48 3.30
C LEU A 24 19.15 -4.29 4.04
N VAL A 25 19.66 -5.35 4.67
CA VAL A 25 20.94 -5.20 5.36
C VAL A 25 22.03 -5.24 4.30
N GLN A 26 21.85 -6.10 3.31
CA GLN A 26 22.80 -6.20 2.21
C GLN A 26 23.03 -4.80 1.68
N ALA A 27 21.94 -4.15 1.27
CA ALA A 27 21.99 -2.80 0.74
C ALA A 27 22.68 -1.85 1.73
N LEU A 28 22.31 -1.96 3.00
CA LEU A 28 22.88 -1.12 4.03
C LEU A 28 24.40 -1.24 4.06
N GLY A 29 24.89 -2.46 3.87
CA GLY A 29 26.32 -2.68 3.87
C GLY A 29 26.95 -2.01 2.67
N ASP A 30 26.24 -2.05 1.55
CA ASP A 30 26.72 -1.44 0.31
C ASP A 30 26.96 0.06 0.50
N VAL A 31 25.94 0.79 0.92
CA VAL A 31 26.07 2.23 1.10
C VAL A 31 27.00 2.58 2.26
N LYS A 32 27.07 1.73 3.28
CA LYS A 32 27.93 2.03 4.41
C LYS A 32 29.40 1.98 4.04
N ARG A 33 29.79 1.00 3.22
CA ARG A 33 31.19 0.93 2.84
C ARG A 33 31.44 1.95 1.74
N ARG A 34 30.35 2.46 1.20
CA ARG A 34 30.40 3.49 0.16
C ARG A 34 30.76 4.80 0.87
N LEU A 35 30.21 4.97 2.06
CA LEU A 35 30.50 6.16 2.86
C LEU A 35 31.93 6.04 3.40
N LEU A 36 32.56 4.92 3.10
CA LEU A 36 33.94 4.65 3.51
C LEU A 36 34.05 4.41 5.01
N GLN A 42 29.22 16.22 1.31
CA GLN A 42 29.38 16.53 -0.10
C GLN A 42 28.49 15.59 -0.92
N GLN A 43 28.90 14.33 -0.97
CA GLN A 43 28.18 13.28 -1.67
C GLN A 43 27.91 12.26 -0.58
N TYR A 44 28.39 12.59 0.62
CA TYR A 44 28.21 11.77 1.79
C TYR A 44 26.80 12.00 2.33
N GLN A 45 26.36 13.26 2.35
CA GLN A 45 25.02 13.57 2.85
C GLN A 45 23.95 12.84 2.04
N GLN A 46 24.23 12.58 0.76
CA GLN A 46 23.28 11.85 -0.07
C GLN A 46 23.26 10.38 0.32
N TRP A 47 24.42 9.75 0.35
CA TRP A 47 24.52 8.34 0.71
C TRP A 47 24.09 8.13 2.17
N GLN A 48 24.50 9.06 3.02
CA GLN A 48 24.15 8.98 4.44
C GLN A 48 22.63 9.05 4.54
N GLN A 49 22.03 9.82 3.64
CA GLN A 49 20.58 9.96 3.61
C GLN A 49 19.98 8.60 3.25
N GLU A 50 20.64 7.90 2.32
CA GLU A 50 20.19 6.59 1.89
C GLU A 50 20.39 5.54 2.98
N ALA A 51 21.48 5.66 3.75
CA ALA A 51 21.75 4.73 4.84
C ALA A 51 20.69 4.89 5.90
N ASP A 52 20.25 6.12 6.12
CA ASP A 52 19.21 6.38 7.11
C ASP A 52 17.90 5.73 6.68
N ALA A 53 17.55 5.93 5.43
CA ALA A 53 16.33 5.37 4.87
C ALA A 53 16.28 3.84 5.03
N ILE A 54 17.37 3.17 4.69
CA ILE A 54 17.40 1.72 4.80
C ILE A 54 17.29 1.29 6.26
N GLU A 55 18.07 1.91 7.13
CA GLU A 55 18.01 1.59 8.54
C GLU A 55 16.61 1.86 9.08
N ALA A 56 16.00 2.94 8.60
CA ALA A 56 14.65 3.30 9.02
C ALA A 56 13.69 2.15 8.71
N GLY A 57 13.79 1.63 7.50
CA GLY A 57 12.92 0.53 7.11
C GLY A 57 13.12 -0.68 8.01
N LEU A 58 14.34 -0.88 8.48
CA LEU A 58 14.65 -2.00 9.37
C LEU A 58 14.04 -1.80 10.74
N ASN A 59 13.83 -0.54 11.10
CA ASN A 59 13.22 -0.21 12.38
C ASN A 59 11.72 -0.47 12.35
N ILE A 60 11.11 -0.18 11.20
CA ILE A 60 9.67 -0.39 11.05
C ILE A 60 9.32 -1.87 10.98
N ILE A 61 10.04 -2.60 10.13
CA ILE A 61 9.80 -4.03 9.97
C ILE A 61 9.77 -4.73 11.33
N GLU A 62 10.51 -4.20 12.29
CA GLU A 62 10.54 -4.80 13.62
C GLU A 62 9.38 -4.30 14.45
N LYS A 63 9.04 -3.02 14.28
CA LYS A 63 7.95 -2.43 15.02
C LYS A 63 6.58 -2.92 14.54
N ILE A 64 6.54 -3.59 13.39
CA ILE A 64 5.27 -4.08 12.86
C ILE A 64 5.23 -5.57 12.57
N LYS A 65 6.30 -6.29 12.88
CA LYS A 65 6.33 -7.73 12.64
C LYS A 65 5.50 -8.47 13.69
N MET B 1 17.64 0.35 -2.80
CA MET B 1 18.68 0.33 -3.87
C MET B 1 18.02 0.22 -5.24
N ASN B 2 17.76 -0.99 -5.71
CA ASN B 2 17.09 -1.14 -7.00
C ASN B 2 15.63 -0.75 -6.84
N VAL B 3 15.03 -0.22 -7.91
CA VAL B 3 13.63 0.23 -7.89
C VAL B 3 12.63 -0.65 -7.15
N GLN B 4 12.72 -1.96 -7.33
CA GLN B 4 11.80 -2.88 -6.66
C GLN B 4 11.99 -2.80 -5.15
N LEU B 5 13.23 -2.67 -4.71
CA LEU B 5 13.51 -2.59 -3.28
C LEU B 5 13.00 -1.24 -2.76
N LYS B 6 13.25 -0.19 -3.53
CA LYS B 6 12.81 1.15 -3.15
C LYS B 6 11.31 1.19 -2.92
N LYS B 7 10.55 0.55 -3.82
CA LYS B 7 9.10 0.54 -3.68
C LYS B 7 8.67 -0.20 -2.42
N GLN B 8 9.48 -1.17 -2.02
CA GLN B 8 9.23 -1.94 -0.80
C GLN B 8 9.47 -1.05 0.42
N LEU B 9 10.44 -0.16 0.32
CA LEU B 9 10.72 0.74 1.43
C LEU B 9 9.62 1.81 1.56
N ALA B 10 9.08 2.23 0.42
CA ALA B 10 8.00 3.23 0.40
C ALA B 10 6.77 2.60 1.02
N GLU B 11 6.46 1.38 0.64
CA GLU B 11 5.30 0.72 1.21
C GLU B 11 5.53 0.54 2.70
N LEU B 12 6.78 0.27 3.06
CA LEU B 12 7.15 0.08 4.44
C LEU B 12 6.96 1.41 5.19
N ALA B 13 7.33 2.51 4.54
CA ALA B 13 7.19 3.82 5.16
C ALA B 13 5.72 4.17 5.36
N LEU B 14 4.91 3.83 4.37
CA LEU B 14 3.49 4.09 4.42
C LEU B 14 2.89 3.30 5.58
N ALA B 15 3.36 2.05 5.72
CA ALA B 15 2.90 1.18 6.79
C ALA B 15 3.33 1.78 8.12
N GLY B 16 4.51 2.40 8.12
CA GLY B 16 5.04 3.01 9.33
C GLY B 16 4.24 4.19 9.84
N THR B 17 3.73 5.01 8.93
CA THR B 17 2.95 6.18 9.35
C THR B 17 1.72 5.76 10.13
N GLY B 18 1.27 4.52 9.89
CA GLY B 18 0.10 4.02 10.60
C GLY B 18 0.45 3.28 11.87
N HIS B 19 1.72 3.31 12.26
CA HIS B 19 2.20 2.64 13.46
C HIS B 19 3.05 3.56 14.31
N HIS B 20 2.80 4.86 14.22
CA HIS B 20 3.54 5.86 14.99
C HIS B 20 5.04 5.81 14.70
N CYS B 21 5.41 5.61 13.44
CA CYS B 21 6.82 5.55 13.03
C CYS B 21 7.14 6.73 12.12
N HIS B 22 6.68 7.91 12.50
CA HIS B 22 6.88 9.11 11.68
C HIS B 22 8.33 9.51 11.39
N GLN B 23 9.23 9.24 12.31
CA GLN B 23 10.63 9.58 12.12
C GLN B 23 11.20 8.68 11.03
N GLU B 24 10.94 7.38 11.15
CA GLU B 24 11.41 6.41 10.18
C GLU B 24 10.85 6.72 8.79
N ALA B 25 9.54 6.94 8.73
CA ALA B 25 8.87 7.25 7.47
C ALA B 25 9.47 8.50 6.84
N ALA B 26 9.79 9.48 7.68
CA ALA B 26 10.38 10.72 7.19
C ALA B 26 11.74 10.47 6.58
N SER B 27 12.55 9.64 7.24
CA SER B 27 13.88 9.32 6.74
C SER B 27 13.73 8.70 5.36
N ILE B 28 12.82 7.74 5.25
CA ILE B 28 12.58 7.09 3.96
C ILE B 28 12.07 8.10 2.95
N ALA B 29 11.05 8.86 3.32
CA ALA B 29 10.46 9.87 2.44
C ALA B 29 11.47 10.83 1.82
N ASP B 30 12.37 11.37 2.63
CA ASP B 30 13.36 12.32 2.15
C ASP B 30 14.37 11.73 1.18
N TRP B 31 14.65 10.45 1.33
CA TRP B 31 15.60 9.76 0.45
C TRP B 31 14.92 9.50 -0.89
N LEU B 32 13.68 9.01 -0.84
CA LEU B 32 12.95 8.76 -2.06
C LEU B 32 12.75 10.08 -2.79
N ALA B 33 12.65 11.16 -2.03
CA ALA B 33 12.47 12.48 -2.59
C ALA B 33 13.58 12.76 -3.59
N GLN B 34 14.77 12.20 -3.32
CA GLN B 34 15.90 12.40 -4.21
C GLN B 34 15.58 12.04 -5.65
N GLU B 35 14.53 11.23 -5.84
CA GLU B 35 14.15 10.81 -7.18
C GLU B 35 12.90 11.54 -7.66
N GLU B 36 12.83 11.78 -8.96
CA GLU B 36 11.70 12.48 -9.58
C GLU B 36 10.50 11.58 -9.86
N CYS B 37 10.76 10.31 -10.12
CA CYS B 37 9.69 9.36 -10.43
C CYS B 37 8.90 8.92 -9.20
N MET B 38 9.37 9.30 -8.00
CA MET B 38 8.69 8.94 -6.76
C MET B 38 7.97 10.11 -6.10
N ALA B 39 7.80 11.21 -6.83
CA ALA B 39 7.14 12.41 -6.31
C ALA B 39 5.90 12.13 -5.45
N GLU B 40 4.86 11.65 -6.12
CA GLU B 40 3.58 11.33 -5.50
C GLU B 40 3.69 10.33 -4.36
N CYS B 41 4.65 9.43 -4.49
CA CYS B 41 4.91 8.39 -3.52
C CYS B 41 5.26 9.00 -2.17
N VAL B 42 6.21 9.93 -2.18
CA VAL B 42 6.63 10.60 -0.97
C VAL B 42 5.49 11.50 -0.48
N THR B 43 4.71 12.00 -1.43
CA THR B 43 3.59 12.85 -1.10
C THR B 43 2.65 12.14 -0.15
N LEU B 44 2.16 10.98 -0.58
CA LEU B 44 1.24 10.19 0.22
C LEU B 44 1.82 9.84 1.58
N ILE B 45 3.04 9.34 1.59
CA ILE B 45 3.69 8.98 2.85
C ILE B 45 3.63 10.18 3.81
N ARG B 46 4.08 11.33 3.33
CA ARG B 46 4.07 12.53 4.14
C ARG B 46 2.64 12.92 4.52
N LEU B 47 1.71 12.85 3.57
CA LEU B 47 0.32 13.22 3.87
C LEU B 47 -0.26 12.24 4.88
N SER B 48 0.17 10.98 4.79
CA SER B 48 -0.30 9.95 5.70
C SER B 48 0.30 10.21 7.08
N SER B 49 1.55 10.68 7.09
CA SER B 49 2.22 10.97 8.35
C SER B 49 1.60 12.23 8.98
N LEU B 50 1.24 13.20 8.15
CA LEU B 50 0.63 14.43 8.64
C LEU B 50 -0.72 14.15 9.28
N MET B 51 -1.49 13.26 8.68
CA MET B 51 -2.81 12.90 9.17
C MET B 51 -2.80 12.00 10.41
N ASN B 52 -1.77 11.18 10.57
CA ASN B 52 -1.71 10.28 11.73
C ASN B 52 -1.00 10.84 12.95
N GLN B 53 -0.20 11.88 12.76
CA GLN B 53 0.52 12.49 13.87
C GLN B 53 -0.49 13.08 14.85
N MET C 1 6.21 2.84 -4.51
CA MET C 1 4.95 3.33 -5.14
C MET C 1 3.96 2.17 -5.34
N MET C 2 4.51 1.01 -5.68
CA MET C 2 3.71 -0.19 -5.91
C MET C 2 3.47 -1.00 -4.64
N THR C 3 2.21 -1.05 -4.22
CA THR C 3 1.85 -1.81 -3.03
C THR C 3 2.23 -3.27 -3.32
N ASN C 4 2.59 -4.02 -2.29
CA ASN C 4 2.98 -5.43 -2.41
C ASN C 4 1.89 -6.26 -3.12
N LEU C 5 0.69 -5.71 -3.14
CA LEU C 5 -0.48 -6.34 -3.74
C LEU C 5 -0.28 -6.65 -5.23
N GLU C 6 0.18 -5.65 -5.98
CA GLU C 6 0.39 -5.80 -7.42
C GLU C 6 1.25 -6.97 -7.87
N THR C 7 2.38 -7.21 -7.21
CA THR C 7 3.25 -8.31 -7.61
C THR C 7 2.67 -9.68 -7.32
N ARG C 8 1.76 -9.78 -6.37
CA ARG C 8 1.16 -11.06 -6.03
C ARG C 8 -0.05 -11.31 -6.93
N LEU C 9 -0.40 -10.29 -7.72
CA LEU C 9 -1.52 -10.39 -8.64
C LEU C 9 -0.98 -10.38 -10.07
N SER C 10 0.33 -10.14 -10.19
CA SER C 10 0.96 -10.09 -11.51
C SER C 10 1.54 -11.44 -11.99
N GLY C 11 1.36 -12.50 -11.21
CA GLY C 11 1.89 -13.79 -11.61
C GLY C 11 2.68 -14.49 -10.52
N ALA C 12 3.24 -13.72 -9.59
CA ALA C 12 4.05 -14.27 -8.51
C ALA C 12 3.30 -15.10 -7.44
N ASP C 13 1.97 -15.02 -7.41
CA ASP C 13 1.21 -15.78 -6.40
C ASP C 13 -0.23 -16.08 -6.85
N PRO C 14 -0.40 -17.08 -7.73
CA PRO C 14 -1.70 -17.51 -8.25
C PRO C 14 -2.76 -17.86 -7.20
N VAL C 15 -2.39 -18.67 -6.20
CA VAL C 15 -3.34 -19.05 -5.17
C VAL C 15 -3.90 -17.80 -4.51
N PHE C 16 -3.02 -16.87 -4.18
CA PHE C 16 -3.41 -15.62 -3.54
C PHE C 16 -4.30 -14.78 -4.43
N ALA C 17 -4.02 -14.82 -5.73
CA ALA C 17 -4.76 -14.05 -6.70
C ALA C 17 -6.15 -14.61 -6.89
N ARG C 18 -6.27 -15.94 -6.87
CA ARG C 18 -7.57 -16.55 -7.05
C ARG C 18 -8.35 -16.58 -5.75
N GLU C 19 -7.65 -16.46 -4.61
CA GLU C 19 -8.33 -16.45 -3.32
C GLU C 19 -8.98 -15.09 -3.16
N LEU C 20 -8.23 -14.05 -3.52
CA LEU C 20 -8.74 -12.68 -3.41
C LEU C 20 -9.93 -12.49 -4.35
N HIS C 21 -9.76 -12.93 -5.59
CA HIS C 21 -10.83 -12.81 -6.57
C HIS C 21 -12.03 -13.58 -6.05
N ALA C 22 -11.75 -14.78 -5.53
CA ALA C 22 -12.80 -15.64 -5.01
C ALA C 22 -13.63 -15.05 -3.87
N GLN C 23 -12.98 -14.42 -2.89
CA GLN C 23 -13.75 -13.87 -1.77
C GLN C 23 -14.53 -12.59 -2.08
N LEU C 24 -14.15 -11.90 -3.15
CA LEU C 24 -14.86 -10.69 -3.54
C LEU C 24 -16.17 -11.07 -4.26
N VAL C 25 -16.07 -12.00 -5.20
CA VAL C 25 -17.27 -12.44 -5.92
C VAL C 25 -18.24 -12.98 -4.86
N GLN C 26 -17.67 -13.57 -3.80
CA GLN C 26 -18.45 -14.11 -2.69
C GLN C 26 -19.20 -12.95 -2.04
N ALA C 27 -18.49 -11.88 -1.75
CA ALA C 27 -19.10 -10.70 -1.13
C ALA C 27 -20.09 -10.11 -2.11
N LEU C 28 -19.77 -10.21 -3.39
CA LEU C 28 -20.64 -9.70 -4.43
C LEU C 28 -21.95 -10.46 -4.34
N GLY C 29 -21.84 -11.75 -4.07
CA GLY C 29 -23.02 -12.59 -3.95
C GLY C 29 -23.86 -12.25 -2.74
N ASP C 30 -23.22 -11.95 -1.61
CA ASP C 30 -23.97 -11.61 -0.40
C ASP C 30 -24.70 -10.28 -0.52
N VAL C 31 -24.11 -9.31 -1.20
CA VAL C 31 -24.74 -8.01 -1.37
C VAL C 31 -25.87 -8.10 -2.41
N LYS C 32 -25.68 -8.96 -3.41
CA LYS C 32 -26.69 -9.12 -4.45
C LYS C 32 -27.98 -9.70 -3.91
N ARG C 33 -27.86 -10.71 -3.05
CA ARG C 33 -29.06 -11.32 -2.48
C ARG C 33 -29.76 -10.36 -1.54
N ARG C 34 -28.98 -9.59 -0.78
CA ARG C 34 -29.59 -8.63 0.14
C ARG C 34 -30.40 -7.64 -0.69
N LEU C 35 -29.94 -7.38 -1.91
CA LEU C 35 -30.66 -6.49 -2.80
C LEU C 35 -31.91 -7.23 -3.24
N LEU C 36 -32.03 -8.49 -2.80
CA LEU C 36 -33.16 -9.36 -3.10
C LEU C 36 -33.30 -9.65 -4.58
N GLN C 42 -33.27 3.69 -0.36
CA GLN C 42 -33.66 3.57 1.03
C GLN C 42 -32.58 2.82 1.81
N GLN C 43 -32.36 1.57 1.41
CA GLN C 43 -31.35 0.72 2.04
C GLN C 43 -30.53 0.17 0.88
N TYR C 44 -31.15 0.21 -0.30
CA TYR C 44 -30.52 -0.25 -1.52
C TYR C 44 -29.38 0.69 -1.89
N GLN C 45 -29.60 1.98 -1.71
CA GLN C 45 -28.59 2.99 -2.00
C GLN C 45 -27.28 2.58 -1.36
N GLN C 46 -27.39 1.98 -0.18
CA GLN C 46 -26.23 1.54 0.58
C GLN C 46 -25.63 0.29 -0.06
N TRP C 47 -26.42 -0.79 -0.09
CA TRP C 47 -25.98 -2.05 -0.66
C TRP C 47 -25.50 -1.90 -2.09
N GLN C 48 -26.14 -1.00 -2.83
CA GLN C 48 -25.78 -0.76 -4.22
C GLN C 48 -24.40 -0.15 -4.25
N GLN C 49 -24.17 0.76 -3.30
CA GLN C 49 -22.89 1.45 -3.18
C GLN C 49 -21.83 0.37 -2.93
N GLU C 50 -22.12 -0.51 -1.99
CA GLU C 50 -21.22 -1.61 -1.65
C GLU C 50 -21.01 -2.49 -2.88
N ALA C 51 -22.10 -2.81 -3.57
CA ALA C 51 -22.04 -3.63 -4.78
C ALA C 51 -21.11 -2.96 -5.81
N ASP C 52 -21.28 -1.67 -6.00
CA ASP C 52 -20.44 -0.92 -6.93
C ASP C 52 -18.98 -0.98 -6.45
N ALA C 53 -18.80 -0.94 -5.13
CA ALA C 53 -17.46 -0.99 -4.54
C ALA C 53 -16.76 -2.31 -4.83
N ILE C 54 -17.44 -3.41 -4.52
CA ILE C 54 -16.88 -4.74 -4.73
C ILE C 54 -16.56 -4.96 -6.20
N GLU C 55 -17.54 -4.69 -7.06
CA GLU C 55 -17.37 -4.86 -8.48
C GLU C 55 -16.17 -4.06 -8.97
N ALA C 56 -15.91 -2.92 -8.33
CA ALA C 56 -14.79 -2.08 -8.74
C ALA C 56 -13.47 -2.78 -8.44
N GLY C 57 -13.44 -3.51 -7.33
CA GLY C 57 -12.25 -4.24 -6.97
C GLY C 57 -11.98 -5.35 -7.95
N LEU C 58 -13.05 -5.97 -8.46
CA LEU C 58 -12.91 -7.06 -9.43
C LEU C 58 -12.38 -6.57 -10.76
N ASN C 59 -12.67 -5.33 -11.12
CA ASN C 59 -12.14 -4.81 -12.37
C ASN C 59 -10.67 -4.45 -12.13
N ILE C 60 -10.38 -3.89 -10.95
CA ILE C 60 -9.02 -3.51 -10.63
C ILE C 60 -8.07 -4.70 -10.68
N ILE C 61 -8.42 -5.79 -10.00
CA ILE C 61 -7.57 -6.97 -10.00
C ILE C 61 -7.23 -7.42 -11.42
N GLU C 62 -8.23 -7.46 -12.29
CA GLU C 62 -8.01 -7.88 -13.67
C GLU C 62 -7.12 -6.89 -14.42
N LYS C 63 -7.35 -5.60 -14.19
CA LYS C 63 -6.57 -4.58 -14.88
C LYS C 63 -5.12 -4.55 -14.42
N ILE C 64 -4.85 -5.09 -13.24
CA ILE C 64 -3.47 -5.10 -12.73
C ILE C 64 -2.78 -6.45 -12.87
N LYS C 65 -3.54 -7.46 -13.30
CA LYS C 65 -2.96 -8.80 -13.47
C LYS C 65 -2.55 -8.97 -14.93
N MET D 1 -19.34 -6.18 4.41
CA MET D 1 -17.96 -6.04 4.94
C MET D 1 -17.21 -7.34 5.25
N ASN D 2 -16.39 -7.16 6.25
CA ASN D 2 -15.47 -8.05 6.90
C ASN D 2 -14.92 -6.73 7.28
N VAL D 3 -14.05 -6.64 8.25
CA VAL D 3 -13.57 -5.31 8.39
C VAL D 3 -12.51 -5.44 7.31
N GLN D 4 -12.07 -6.68 7.10
CA GLN D 4 -11.04 -7.03 6.11
C GLN D 4 -11.41 -6.71 4.66
N LEU D 5 -12.64 -6.98 4.27
CA LEU D 5 -13.11 -6.74 2.90
C LEU D 5 -12.84 -5.30 2.47
N LYS D 6 -13.11 -4.41 3.40
CA LYS D 6 -12.89 -2.98 3.20
C LYS D 6 -11.43 -2.59 3.11
N LYS D 7 -10.57 -3.31 3.84
CA LYS D 7 -9.15 -3.02 3.84
C LYS D 7 -8.51 -3.51 2.55
N GLN D 8 -9.11 -4.53 1.93
CA GLN D 8 -8.59 -5.08 0.69
C GLN D 8 -9.00 -4.23 -0.50
N LEU D 9 -10.15 -3.59 -0.38
CA LEU D 9 -10.63 -2.73 -1.45
C LEU D 9 -9.90 -1.41 -1.36
N ALA D 10 -9.58 -1.00 -0.14
CA ALA D 10 -8.88 0.24 0.08
C ALA D 10 -7.52 0.24 -0.63
N GLU D 11 -6.67 -0.73 -0.32
CA GLU D 11 -5.37 -0.76 -0.95
C GLU D 11 -5.53 -1.07 -2.44
N LEU D 12 -6.56 -1.86 -2.76
CA LEU D 12 -6.83 -2.19 -4.15
C LEU D 12 -7.20 -0.90 -4.89
N ALA D 13 -7.89 0.01 -4.20
CA ALA D 13 -8.27 1.27 -4.82
C ALA D 13 -7.03 2.13 -5.01
N LEU D 14 -6.16 2.14 -4.02
CA LEU D 14 -4.95 2.92 -4.09
C LEU D 14 -4.08 2.37 -5.22
N ALA D 15 -3.89 1.05 -5.22
CA ALA D 15 -3.09 0.39 -6.23
C ALA D 15 -3.63 0.70 -7.62
N GLY D 16 -4.96 0.84 -7.71
CA GLY D 16 -5.59 1.11 -8.99
C GLY D 16 -5.40 2.50 -9.54
N THR D 17 -5.29 3.50 -8.67
CA THR D 17 -5.09 4.88 -9.10
C THR D 17 -3.85 4.97 -10.00
N GLY D 18 -2.98 3.97 -9.88
CA GLY D 18 -1.77 3.94 -10.67
C GLY D 18 -1.95 3.13 -11.94
N HIS D 19 -3.16 2.70 -12.22
CA HIS D 19 -3.44 1.93 -13.43
C HIS D 19 -4.61 2.51 -14.22
N HIS D 20 -4.85 3.81 -14.06
CA HIS D 20 -5.90 4.49 -14.78
C HIS D 20 -7.31 4.01 -14.44
N CYS D 21 -7.47 3.48 -13.24
CA CYS D 21 -8.77 2.99 -12.79
C CYS D 21 -9.34 4.04 -11.85
N HIS D 22 -9.18 5.30 -12.21
CA HIS D 22 -9.67 6.40 -11.40
C HIS D 22 -11.18 6.30 -11.15
N GLN D 23 -11.89 5.64 -12.07
CA GLN D 23 -13.32 5.48 -11.96
C GLN D 23 -13.68 4.45 -10.88
N GLU D 24 -12.95 3.34 -10.88
CA GLU D 24 -13.16 2.28 -9.90
C GLU D 24 -12.70 2.68 -8.51
N ALA D 25 -11.63 3.47 -8.47
CA ALA D 25 -11.09 3.94 -7.20
C ALA D 25 -12.07 4.90 -6.55
N ALA D 26 -12.93 5.51 -7.36
CA ALA D 26 -13.91 6.45 -6.85
C ALA D 26 -15.11 5.71 -6.27
N SER D 27 -15.52 4.62 -6.93
CA SER D 27 -16.65 3.84 -6.43
C SER D 27 -16.29 3.34 -5.04
N ILE D 28 -15.07 2.85 -4.92
CA ILE D 28 -14.58 2.32 -3.66
C ILE D 28 -14.49 3.43 -2.63
N ALA D 29 -13.79 4.49 -2.98
CA ALA D 29 -13.62 5.64 -2.09
C ALA D 29 -14.97 6.15 -1.55
N ASP D 30 -15.94 6.31 -2.45
CA ASP D 30 -17.25 6.80 -2.02
C ASP D 30 -17.91 5.87 -1.03
N TRP D 31 -17.79 4.58 -1.26
CA TRP D 31 -18.39 3.61 -0.34
C TRP D 31 -17.66 3.66 0.99
N LEU D 32 -16.34 3.76 0.95
CA LEU D 32 -15.58 3.82 2.18
C LEU D 32 -15.86 5.13 2.94
N ALA D 33 -16.37 6.12 2.23
CA ALA D 33 -16.69 7.42 2.82
C ALA D 33 -17.59 7.33 4.05
N GLN D 34 -18.47 6.33 4.08
CA GLN D 34 -19.38 6.15 5.21
C GLN D 34 -18.63 5.94 6.52
N GLU D 35 -17.87 4.85 6.58
CA GLU D 35 -17.07 4.52 7.77
C GLU D 35 -16.24 5.76 8.16
N GLU D 36 -16.29 6.18 9.44
CA GLU D 36 -15.51 7.35 9.83
C GLU D 36 -14.06 6.92 10.15
N CYS D 37 -13.86 5.63 10.34
CA CYS D 37 -12.54 5.13 10.61
C CYS D 37 -11.66 5.34 9.37
N MET D 38 -12.17 4.85 8.25
CA MET D 38 -11.49 4.90 6.95
C MET D 38 -11.14 6.32 6.46
N ALA D 39 -11.65 7.36 7.13
CA ALA D 39 -11.40 8.74 6.74
C ALA D 39 -9.93 9.10 6.72
N GLU D 40 -9.27 8.84 5.61
CA GLU D 40 -7.85 9.14 5.44
C GLU D 40 -7.38 8.16 4.39
N CYS D 41 -7.99 6.97 4.40
CA CYS D 41 -7.67 5.96 3.42
C CYS D 41 -8.24 6.53 2.14
N VAL D 42 -9.46 7.03 2.27
CA VAL D 42 -10.17 7.61 1.15
C VAL D 42 -9.43 8.85 0.70
N THR D 43 -8.84 9.54 1.67
CA THR D 43 -8.08 10.75 1.35
C THR D 43 -6.91 10.42 0.46
N LEU D 44 -6.19 9.36 0.81
CA LEU D 44 -5.05 8.93 0.03
C LEU D 44 -5.48 8.37 -1.31
N ILE D 45 -6.59 7.63 -1.32
CA ILE D 45 -7.08 7.08 -2.57
C ILE D 45 -7.42 8.24 -3.49
N ARG D 46 -8.08 9.25 -2.93
CA ARG D 46 -8.48 10.42 -3.68
C ARG D 46 -7.35 11.31 -4.18
N LEU D 47 -6.42 11.62 -3.29
CA LEU D 47 -5.28 12.46 -3.65
C LEU D 47 -4.46 11.75 -4.73
N SER D 48 -4.30 10.44 -4.57
CA SER D 48 -3.53 9.63 -5.52
C SER D 48 -4.19 9.67 -6.89
N SER D 49 -5.52 9.54 -6.90
CA SER D 49 -6.25 9.55 -8.16
C SER D 49 -6.12 10.90 -8.88
N LEU D 50 -6.23 11.99 -8.12
CA LEU D 50 -6.12 13.32 -8.69
C LEU D 50 -4.73 13.57 -9.27
N MET D 51 -3.71 13.01 -8.62
CA MET D 51 -2.34 13.18 -9.08
C MET D 51 -2.07 12.47 -10.40
N ASN D 52 -2.48 11.22 -10.52
CA ASN D 52 -2.26 10.46 -11.76
C ASN D 52 -3.02 11.08 -12.92
N GLN D 53 -4.19 11.64 -12.63
CA GLN D 53 -5.03 12.25 -13.66
C GLN D 53 -4.38 13.51 -14.21
#